data_5Y1B
#
_entry.id   5Y1B
#
_cell.length_a   107.983
_cell.length_b   107.983
_cell.length_c   175.529
_cell.angle_alpha   90.000
_cell.angle_beta   90.000
_cell.angle_gamma   120.000
#
_symmetry.space_group_name_H-M   'P 32 2 1'
#
loop_
_entity.id
_entity.type
_entity.pdbx_description
1 polymer Beta-hexosaminidase
2 non-polymer 2-acetamido-2-deoxy-beta-D-glucopyranose
3 non-polymer "9-O-3'-quinolinium propylberberine"
4 water water
#
_entity_poly.entity_id   1
_entity_poly.type   'polypeptide(L)'
_entity_poly.pdbx_seq_one_letter_code
;EDVVWRWSCDNGKCVKLKNDPRSSEPALSLEACKMFCNEYGLLWPRPTGEADLGNFLSKINLNSIEVKILKKGATDDLME
AAAKRFKEQVSLAIPRGSTPKLTGKAVDVYLVNENPNEKAFSLEMDESYGLRVSPSGADRVNATITANSFFGMRHGLETL
SQLFVFDDIRDHLLMVRDVNISDKPVYPYRGILLDTARNYYSIESIKRTIEAMAAVKLNTLHWHITDSQSFPFVTTKRPN
LYKFGALSPQKVYTKAAIREVVRFGLERGVRVLPEFDAPAHVGEGWQDTDLTVCFKAEPWKSYCVEPPCGQLNPTKDELY
QYLEDIYSDMAEVFDTTDIFHMGGDEVSEACWNSSDSIQNFMMQNRWDLDKESFLKLWNYFQQKAQDKAYKAFGKKLPLI
LWTSTLTNYKHIDDYLNKDDYIIQVWTTGVDPQIKGLLEKGYRLIMSNYDALYFDCGYGAWVGAGNNWCSPYIGWQKVYD
NSPAVIALEHRDQVLGGEAALWSEQSDTSTLDGRLWPRAAALAERLWAEPATSWQDAEYRMLHIRERFVRMGIQAESLQP
EWCYQNEGYCYSHHHHHH
;
_entity_poly.pdbx_strand_id   A
#
# COMPACT_ATOMS: atom_id res chain seq x y z
N GLU A 1 6.68 4.47 37.71
CA GLU A 1 6.92 3.54 38.80
C GLU A 1 6.75 2.08 38.31
N ASP A 2 6.03 1.25 39.06
CA ASP A 2 6.00 -0.18 38.81
C ASP A 2 4.62 -0.65 38.37
N VAL A 3 4.58 -1.53 37.37
CA VAL A 3 3.33 -2.10 36.90
C VAL A 3 2.66 -2.87 38.03
N VAL A 4 1.35 -2.69 38.15
CA VAL A 4 0.60 -3.21 39.29
C VAL A 4 -0.22 -4.46 38.94
N TRP A 5 -0.54 -4.68 37.68
CA TRP A 5 -1.45 -5.74 37.28
C TRP A 5 -0.69 -6.89 36.61
N ARG A 6 -1.42 -7.99 36.42
CA ARG A 6 -0.96 -9.13 35.64
C ARG A 6 -2.14 -9.62 34.81
N TRP A 7 -1.86 -10.45 33.82
CA TRP A 7 -2.90 -10.95 32.94
C TRP A 7 -2.88 -12.47 32.87
N SER A 8 -4.06 -13.05 32.68
CA SER A 8 -4.24 -14.50 32.66
C SER A 8 -5.20 -14.84 31.53
N CYS A 9 -4.82 -15.81 30.71
CA CYS A 9 -5.64 -16.20 29.57
C CYS A 9 -6.85 -17.00 30.05
N ASP A 10 -8.02 -16.64 29.54
CA ASP A 10 -9.27 -17.28 29.94
C ASP A 10 -10.22 -17.23 28.75
N ASN A 11 -10.43 -18.39 28.12
CA ASN A 11 -11.32 -18.52 26.97
C ASN A 11 -10.92 -17.55 25.85
N GLY A 12 -9.62 -17.51 25.55
CA GLY A 12 -9.12 -16.67 24.48
C GLY A 12 -9.05 -15.20 24.80
N LYS A 13 -9.20 -14.81 26.06
CA LYS A 13 -9.18 -13.42 26.46
C LYS A 13 -8.18 -13.24 27.59
N CYS A 14 -7.34 -12.22 27.50
CA CYS A 14 -6.39 -11.92 28.57
C CYS A 14 -7.11 -11.09 29.63
N VAL A 15 -7.28 -11.68 30.82
CA VAL A 15 -8.04 -11.07 31.91
C VAL A 15 -7.08 -10.36 32.83
N LYS A 16 -7.38 -9.10 33.15
CA LYS A 16 -6.53 -8.33 34.05
C LYS A 16 -6.86 -8.69 35.50
N LEU A 17 -5.82 -9.07 36.24
CA LEU A 17 -5.94 -9.41 37.65
C LEU A 17 -4.82 -8.71 38.41
N LYS A 18 -5.07 -8.43 39.69
CA LYS A 18 -4.04 -7.82 40.51
C LYS A 18 -2.90 -8.81 40.73
N ASN A 19 -1.68 -8.27 40.73
CA ASN A 19 -0.47 -9.08 40.91
C ASN A 19 -0.21 -9.21 42.41
N ASP A 20 -0.96 -10.10 43.05
CA ASP A 20 -0.86 -10.28 44.49
C ASP A 20 0.50 -10.84 44.86
N PRO A 21 1.16 -10.32 45.89
CA PRO A 21 2.47 -10.86 46.28
C PRO A 21 2.40 -12.29 46.80
N ARG A 22 1.29 -12.69 47.41
CA ARG A 22 1.20 -14.03 48.01
C ARG A 22 0.71 -15.03 46.96
N SER A 23 1.60 -15.28 46.00
CA SER A 23 1.33 -16.22 44.92
C SER A 23 2.63 -16.87 44.50
N SER A 24 2.56 -18.17 44.21
CA SER A 24 3.70 -18.92 43.68
C SER A 24 3.68 -19.01 42.17
N GLU A 25 2.64 -18.51 41.53
CA GLU A 25 2.48 -18.50 40.08
C GLU A 25 3.17 -17.27 39.49
N PRO A 26 4.03 -17.43 38.50
CA PRO A 26 4.71 -16.26 37.93
C PRO A 26 3.74 -15.39 37.13
N ALA A 27 3.84 -14.09 37.36
CA ALA A 27 2.94 -13.14 36.72
C ALA A 27 3.24 -13.03 35.24
N LEU A 28 2.17 -12.83 34.45
CA LEU A 28 2.27 -12.63 33.02
C LEU A 28 2.00 -11.16 32.70
N SER A 29 2.92 -10.54 31.95
CA SER A 29 2.65 -9.22 31.41
C SER A 29 1.59 -9.31 30.31
N LEU A 30 1.04 -8.15 29.95
CA LEU A 30 -0.11 -8.13 29.05
C LEU A 30 0.21 -8.76 27.70
N GLU A 31 1.30 -8.34 27.07
CA GLU A 31 1.60 -8.83 25.74
C GLU A 31 2.18 -10.24 25.76
N ALA A 32 2.82 -10.64 26.87
CA ALA A 32 3.21 -12.04 27.02
C ALA A 32 1.97 -12.93 27.09
N CYS A 33 0.94 -12.49 27.82
CA CYS A 33 -0.33 -13.21 27.82
C CYS A 33 -0.93 -13.25 26.42
N LYS A 34 -0.92 -12.11 25.73
CA LYS A 34 -1.53 -12.02 24.41
C LYS A 34 -0.85 -12.95 23.42
N MET A 35 0.47 -13.12 23.54
CA MET A 35 1.22 -13.90 22.55
C MET A 35 0.74 -15.34 22.48
N PHE A 36 0.25 -15.88 23.58
CA PHE A 36 -0.21 -17.26 23.59
C PHE A 36 -1.71 -17.41 23.82
N CYS A 37 -2.37 -16.40 24.38
CA CYS A 37 -3.82 -16.45 24.49
C CYS A 37 -4.47 -16.30 23.13
N ASN A 38 -3.89 -15.49 22.26
CA ASN A 38 -4.43 -15.30 20.92
C ASN A 38 -3.95 -16.42 20.00
N GLU A 39 -4.84 -16.84 19.09
CA GLU A 39 -4.51 -17.96 18.20
C GLU A 39 -3.26 -17.66 17.37
N TYR A 40 -3.11 -16.42 16.91
CA TYR A 40 -1.95 -16.02 16.12
C TYR A 40 -1.03 -15.09 16.88
N GLY A 41 -1.14 -15.04 18.21
CA GLY A 41 -0.24 -14.23 19.00
C GLY A 41 -0.37 -12.75 18.66
N LEU A 42 0.78 -12.12 18.42
CA LEU A 42 0.84 -10.71 18.06
C LEU A 42 1.14 -10.51 16.58
N LEU A 43 1.01 -11.55 15.76
CA LEU A 43 1.40 -11.48 14.37
C LEU A 43 0.39 -10.69 13.55
N TRP A 44 0.90 -9.87 12.63
CA TRP A 44 0.07 -9.19 11.65
C TRP A 44 0.87 -8.92 10.38
N PRO A 45 0.45 -9.44 9.22
CA PRO A 45 -0.70 -10.33 9.07
C PRO A 45 -0.41 -11.73 9.60
N ARG A 46 -1.46 -12.48 9.93
CA ARG A 46 -1.25 -13.87 10.33
C ARG A 46 -0.73 -14.66 9.14
N PRO A 47 0.12 -15.65 9.37
CA PRO A 47 0.66 -16.45 8.26
C PRO A 47 -0.43 -17.28 7.59
N THR A 48 -0.12 -17.74 6.38
CA THR A 48 -1.05 -18.57 5.61
C THR A 48 -0.78 -20.06 5.74
N GLY A 49 0.45 -20.46 6.04
CA GLY A 49 0.76 -21.87 6.17
C GLY A 49 0.91 -22.30 7.62
N GLU A 50 2.07 -22.87 7.95
CA GLU A 50 2.33 -23.29 9.32
C GLU A 50 2.36 -22.06 10.24
N ALA A 51 1.69 -22.16 11.38
CA ALA A 51 1.61 -21.06 12.34
C ALA A 51 1.69 -21.61 13.76
N ASP A 52 2.75 -22.38 14.02
CA ASP A 52 2.97 -23.00 15.32
C ASP A 52 3.89 -22.10 16.14
N LEU A 53 3.36 -21.53 17.21
CA LEU A 53 4.11 -20.65 18.09
C LEU A 53 4.56 -21.31 19.38
N GLY A 54 4.20 -22.57 19.60
CA GLY A 54 4.65 -23.21 20.82
C GLY A 54 3.92 -22.69 22.05
N ASN A 55 4.61 -22.74 23.19
CA ASN A 55 3.98 -22.40 24.46
C ASN A 55 4.83 -21.54 25.39
N PHE A 56 6.09 -21.25 25.05
CA PHE A 56 6.99 -20.62 25.99
C PHE A 56 7.72 -19.44 25.36
N LEU A 57 8.26 -18.59 26.22
CA LEU A 57 9.12 -17.48 25.85
C LEU A 57 10.49 -17.68 26.47
N SER A 58 11.48 -17.04 25.85
CA SER A 58 12.86 -17.05 26.35
C SER A 58 13.34 -15.62 26.51
N LYS A 59 14.03 -15.34 27.60
CA LYS A 59 14.61 -14.02 27.80
C LYS A 59 15.79 -13.83 26.86
N ILE A 60 15.89 -12.64 26.28
CA ILE A 60 16.82 -12.34 25.21
C ILE A 60 17.66 -11.13 25.59
N ASN A 61 18.96 -11.22 25.33
CA ASN A 61 19.86 -10.07 25.45
C ASN A 61 19.76 -9.27 24.16
N LEU A 62 19.25 -8.03 24.26
CA LEU A 62 19.06 -7.20 23.07
C LEU A 62 20.37 -6.95 22.34
N ASN A 63 21.47 -6.83 23.07
CA ASN A 63 22.78 -6.57 22.47
C ASN A 63 23.45 -7.81 21.94
N SER A 64 22.81 -8.97 21.99
CA SER A 64 23.40 -10.23 21.55
C SER A 64 22.58 -10.86 20.44
N ILE A 65 22.03 -10.02 19.55
CA ILE A 65 21.37 -10.47 18.33
C ILE A 65 22.33 -10.24 17.17
N GLU A 66 22.58 -11.29 16.39
CA GLU A 66 23.48 -11.21 15.25
C GLU A 66 22.86 -11.91 14.06
N VAL A 67 22.89 -11.25 12.91
CA VAL A 67 22.30 -11.77 11.68
C VAL A 67 23.42 -12.28 10.78
N LYS A 68 23.25 -13.48 10.22
CA LYS A 68 24.22 -14.08 9.31
C LYS A 68 23.53 -14.39 7.99
N ILE A 69 24.09 -13.87 6.91
CA ILE A 69 23.60 -14.16 5.56
C ILE A 69 24.40 -15.34 5.01
N LEU A 70 23.70 -16.43 4.67
CA LEU A 70 24.38 -17.66 4.30
C LEU A 70 24.67 -17.77 2.81
N LYS A 71 23.83 -17.19 1.96
CA LYS A 71 24.02 -17.22 0.51
C LYS A 71 24.19 -15.80 -0.01
N LYS A 72 25.28 -15.56 -0.73
CA LYS A 72 25.58 -14.24 -1.28
C LYS A 72 25.20 -14.17 -2.76
N GLY A 73 25.03 -12.95 -3.24
CA GLY A 73 24.63 -12.76 -4.62
C GLY A 73 24.47 -11.31 -4.97
N ALA A 74 23.61 -11.03 -5.95
CA ALA A 74 23.44 -9.67 -6.42
C ALA A 74 22.70 -8.82 -5.39
N THR A 75 21.88 -9.43 -4.55
CA THR A 75 21.12 -8.71 -3.53
C THR A 75 21.90 -8.54 -2.23
N ASP A 76 23.23 -8.63 -2.28
CA ASP A 76 24.04 -8.49 -1.07
C ASP A 76 23.76 -7.19 -0.35
N ASP A 77 23.69 -6.08 -1.10
CA ASP A 77 23.45 -4.78 -0.48
C ASP A 77 22.05 -4.73 0.15
N LEU A 78 21.06 -5.31 -0.52
CA LEU A 78 19.71 -5.33 0.03
C LEU A 78 19.64 -6.21 1.28
N MET A 79 20.26 -7.38 1.23
CA MET A 79 20.21 -8.30 2.38
C MET A 79 20.95 -7.71 3.57
N GLU A 80 22.07 -7.04 3.31
CA GLU A 80 22.81 -6.39 4.40
C GLU A 80 22.00 -5.27 5.04
N ALA A 81 21.34 -4.45 4.21
CA ALA A 81 20.53 -3.37 4.74
C ALA A 81 19.37 -3.90 5.56
N ALA A 82 18.70 -4.94 5.06
CA ALA A 82 17.60 -5.56 5.82
C ALA A 82 18.12 -6.14 7.13
N ALA A 83 19.31 -6.75 7.11
CA ALA A 83 19.87 -7.31 8.33
C ALA A 83 20.17 -6.23 9.36
N LYS A 84 20.74 -5.11 8.91
CA LYS A 84 21.07 -4.02 9.84
C LYS A 84 19.83 -3.38 10.44
N ARG A 85 18.71 -3.42 9.73
CA ARG A 85 17.46 -2.85 10.24
C ARG A 85 16.74 -3.77 11.21
N PHE A 86 17.20 -5.02 11.36
CA PHE A 86 16.44 -5.98 12.15
C PHE A 86 16.44 -5.64 13.63
N LYS A 87 17.56 -5.13 14.15
CA LYS A 87 17.62 -4.84 15.58
C LYS A 87 16.65 -3.72 15.97
N GLU A 88 16.54 -2.68 15.14
CA GLU A 88 15.57 -1.63 15.43
C GLU A 88 14.14 -2.15 15.31
N GLN A 89 13.91 -3.07 14.36
CA GLN A 89 12.63 -3.76 14.30
C GLN A 89 12.33 -4.47 15.62
N VAL A 90 13.33 -5.13 16.18
CA VAL A 90 13.16 -5.84 17.45
C VAL A 90 12.84 -4.85 18.57
N SER A 91 13.54 -3.71 18.59
CA SER A 91 13.36 -2.72 19.64
C SER A 91 11.95 -2.14 19.65
N LEU A 92 11.19 -2.31 18.57
CA LEU A 92 9.81 -1.84 18.55
C LEU A 92 8.95 -2.55 19.59
N ALA A 93 9.40 -3.70 20.09
CA ALA A 93 8.68 -4.38 21.16
C ALA A 93 8.75 -3.61 22.48
N ILE A 94 9.71 -2.72 22.63
CA ILE A 94 9.98 -2.03 23.88
C ILE A 94 9.31 -0.67 23.85
N PRO A 95 8.46 -0.33 24.83
CA PRO A 95 7.88 1.01 24.87
C PRO A 95 8.96 2.06 25.05
N ARG A 96 8.73 3.23 24.44
CA ARG A 96 9.68 4.33 24.56
C ARG A 96 9.82 4.76 26.01
N GLY A 97 11.06 5.03 26.42
CA GLY A 97 11.36 5.34 27.80
C GLY A 97 11.63 4.13 28.67
N SER A 98 11.42 2.93 28.15
CA SER A 98 11.74 1.70 28.85
C SER A 98 13.04 1.12 28.31
N THR A 99 13.80 0.48 29.20
CA THR A 99 15.07 -0.13 28.82
C THR A 99 15.07 -1.58 29.30
N PRO A 100 15.37 -2.53 28.43
CA PRO A 100 15.43 -3.93 28.87
C PRO A 100 16.74 -4.23 29.59
N LYS A 101 16.65 -5.10 30.59
CA LYS A 101 17.86 -5.61 31.23
C LYS A 101 18.66 -6.42 30.21
N LEU A 102 19.96 -6.15 30.14
CA LEU A 102 20.82 -6.77 29.13
C LEU A 102 21.32 -8.12 29.64
N THR A 103 20.36 -9.03 29.78
CA THR A 103 20.62 -10.42 30.14
C THR A 103 19.79 -11.32 29.24
N GLY A 104 20.03 -12.61 29.35
CA GLY A 104 19.28 -13.59 28.60
C GLY A 104 20.11 -14.19 27.48
N LYS A 105 19.41 -14.94 26.62
CA LYS A 105 20.07 -15.70 25.57
C LYS A 105 20.53 -14.80 24.44
N ALA A 106 21.44 -15.32 23.64
CA ALA A 106 21.89 -14.68 22.41
C ALA A 106 21.12 -15.26 21.23
N VAL A 107 20.89 -14.43 20.21
CA VAL A 107 20.06 -14.80 19.08
C VAL A 107 20.90 -14.82 17.82
N ASP A 108 20.90 -15.94 17.11
CA ASP A 108 21.55 -16.07 15.82
C ASP A 108 20.48 -16.14 14.75
N VAL A 109 20.48 -15.18 13.84
CA VAL A 109 19.51 -15.10 12.75
C VAL A 109 20.22 -15.53 11.47
N TYR A 110 19.77 -16.63 10.88
CA TYR A 110 20.35 -17.16 9.65
C TYR A 110 19.41 -16.88 8.50
N LEU A 111 19.89 -16.10 7.52
CA LEU A 111 19.11 -15.75 6.34
C LEU A 111 19.57 -16.61 5.16
N VAL A 112 18.64 -17.38 4.61
CA VAL A 112 18.92 -18.27 3.49
C VAL A 112 18.12 -17.78 2.29
N ASN A 113 18.79 -17.03 1.41
CA ASN A 113 18.20 -16.55 0.16
C ASN A 113 18.60 -17.51 -0.94
N GLU A 114 17.65 -18.32 -1.40
CA GLU A 114 17.95 -19.42 -2.31
C GLU A 114 18.12 -18.98 -3.76
N ASN A 115 17.87 -17.71 -4.07
CA ASN A 115 18.14 -17.14 -5.39
C ASN A 115 18.64 -15.71 -5.19
N PRO A 116 19.87 -15.56 -4.68
CA PRO A 116 20.32 -14.25 -4.18
C PRO A 116 20.62 -13.22 -5.27
N ASN A 117 20.35 -13.56 -6.53
CA ASN A 117 20.46 -12.59 -7.61
C ASN A 117 19.13 -11.95 -7.97
N GLU A 118 18.02 -12.58 -7.61
CA GLU A 118 16.69 -12.08 -7.95
C GLU A 118 16.38 -10.81 -7.16
N LYS A 119 16.08 -9.72 -7.87
CA LYS A 119 15.65 -8.50 -7.19
C LYS A 119 14.71 -7.64 -8.01
N ALA A 120 14.07 -8.20 -9.04
CA ALA A 120 13.11 -7.44 -9.85
C ALA A 120 11.70 -7.62 -9.30
N PHE A 121 10.93 -6.54 -9.34
CA PHE A 121 9.51 -6.63 -9.05
C PHE A 121 8.77 -7.19 -10.25
N SER A 122 7.83 -8.10 -9.98
CA SER A 122 6.97 -8.65 -11.02
C SER A 122 5.78 -9.28 -10.33
N LEU A 123 4.68 -9.42 -11.09
CA LEU A 123 3.49 -10.06 -10.55
C LEU A 123 3.75 -11.53 -10.21
N GLU A 124 4.80 -12.12 -10.76
CA GLU A 124 5.13 -13.52 -10.55
C GLU A 124 6.24 -13.73 -9.53
N MET A 125 6.70 -12.67 -8.87
CA MET A 125 7.80 -12.81 -7.91
C MET A 125 7.38 -13.67 -6.73
N ASP A 126 8.36 -14.31 -6.10
CA ASP A 126 8.13 -15.26 -5.01
C ASP A 126 8.34 -14.54 -3.68
N GLU A 127 7.24 -14.27 -2.98
CA GLU A 127 7.27 -13.60 -1.68
C GLU A 127 7.12 -14.58 -0.52
N SER A 128 7.29 -15.87 -0.77
CA SER A 128 7.11 -16.88 0.28
C SER A 128 8.38 -17.01 1.12
N TYR A 129 8.21 -17.57 2.32
CA TYR A 129 9.33 -17.79 3.22
C TYR A 129 8.96 -18.86 4.23
N GLY A 130 9.99 -19.38 4.89
CA GLY A 130 9.81 -20.25 6.03
C GLY A 130 10.57 -19.69 7.23
N LEU A 131 9.98 -19.84 8.41
CA LEU A 131 10.55 -19.30 9.64
C LEU A 131 10.62 -20.40 10.68
N ARG A 132 11.82 -20.64 11.21
CA ARG A 132 12.04 -21.60 12.28
C ARG A 132 12.80 -20.92 13.41
N VAL A 133 12.28 -21.06 14.63
CA VAL A 133 12.97 -20.61 15.83
C VAL A 133 13.01 -21.78 16.81
N SER A 134 14.18 -22.03 17.37
CA SER A 134 14.38 -23.15 18.28
C SER A 134 15.57 -22.84 19.17
N PRO A 135 15.61 -23.42 20.38
CA PRO A 135 16.81 -23.25 21.21
C PRO A 135 18.03 -23.84 20.53
N SER A 136 19.17 -23.19 20.74
CA SER A 136 20.45 -23.62 20.19
C SER A 136 21.44 -23.78 21.32
N GLY A 137 21.73 -25.04 21.67
CA GLY A 137 22.59 -25.27 22.83
C GLY A 137 21.88 -24.85 24.11
N ALA A 138 22.65 -24.24 25.01
CA ALA A 138 22.13 -23.81 26.31
C ALA A 138 21.81 -22.32 26.37
N ASP A 139 22.63 -21.47 25.76
CA ASP A 139 22.55 -20.04 25.96
C ASP A 139 22.22 -19.26 24.68
N ARG A 140 21.66 -19.92 23.66
CA ARG A 140 21.51 -19.28 22.37
C ARG A 140 20.20 -19.70 21.71
N VAL A 141 19.77 -18.88 20.74
CA VAL A 141 18.58 -19.12 19.95
C VAL A 141 18.97 -19.17 18.48
N ASN A 142 18.39 -20.11 17.75
CA ASN A 142 18.61 -20.28 16.31
C ASN A 142 17.31 -19.90 15.61
N ALA A 143 17.32 -18.77 14.91
CA ALA A 143 16.22 -18.34 14.05
C ALA A 143 16.70 -18.40 12.60
N THR A 144 16.04 -19.24 11.80
CA THR A 144 16.44 -19.46 10.41
C THR A 144 15.28 -19.07 9.51
N ILE A 145 15.54 -18.11 8.61
CA ILE A 145 14.57 -17.68 7.61
C ILE A 145 15.03 -18.22 6.25
N THR A 146 14.16 -18.98 5.59
CA THR A 146 14.45 -19.56 4.29
C THR A 146 13.40 -19.08 3.29
N ALA A 147 13.87 -18.48 2.19
CA ALA A 147 12.96 -17.93 1.19
C ALA A 147 13.58 -18.06 -0.19
N ASN A 148 12.70 -18.09 -1.21
CA ASN A 148 13.13 -18.24 -2.59
C ASN A 148 13.68 -16.95 -3.19
N SER A 149 13.55 -15.82 -2.49
CA SER A 149 14.05 -14.56 -3.00
C SER A 149 14.29 -13.62 -1.83
N PHE A 150 14.91 -12.48 -2.13
CA PHE A 150 15.13 -11.47 -1.10
C PHE A 150 13.82 -10.94 -0.54
N PHE A 151 12.80 -10.83 -1.40
CA PHE A 151 11.53 -10.25 -0.96
C PHE A 151 10.82 -11.15 0.04
N GLY A 152 10.78 -12.45 -0.21
CA GLY A 152 10.28 -13.37 0.79
C GLY A 152 11.13 -13.36 2.05
N MET A 153 12.44 -13.18 1.89
CA MET A 153 13.35 -13.20 3.03
C MET A 153 13.11 -12.01 3.96
N ARG A 154 12.87 -10.83 3.38
CA ARG A 154 12.67 -9.65 4.22
C ARG A 154 11.26 -9.60 4.80
N HIS A 155 10.28 -10.25 4.15
CA HIS A 155 9.01 -10.53 4.81
C HIS A 155 9.24 -11.37 6.07
N GLY A 156 10.09 -12.39 5.97
CA GLY A 156 10.32 -13.26 7.11
C GLY A 156 11.02 -12.55 8.26
N LEU A 157 11.94 -11.63 7.93
CA LEU A 157 12.54 -10.79 8.96
C LEU A 157 11.49 -9.96 9.67
N GLU A 158 10.48 -9.49 8.92
CA GLU A 158 9.38 -8.75 9.52
C GLU A 158 8.59 -9.60 10.50
N THR A 159 8.21 -10.82 10.08
CA THR A 159 7.49 -11.72 10.97
C THR A 159 8.31 -12.07 12.20
N LEU A 160 9.62 -12.33 12.01
CA LEU A 160 10.47 -12.69 13.13
C LEU A 160 10.51 -11.59 14.19
N SER A 161 10.61 -10.33 13.76
CA SER A 161 10.66 -9.23 14.70
C SER A 161 9.38 -9.13 15.53
N GLN A 162 8.26 -9.61 14.99
CA GLN A 162 7.00 -9.61 15.73
C GLN A 162 6.91 -10.72 16.77
N LEU A 163 7.92 -11.59 16.84
CA LEU A 163 7.94 -12.67 17.82
C LEU A 163 8.70 -12.28 19.09
N PHE A 164 8.98 -10.99 19.26
CA PHE A 164 9.56 -10.48 20.50
C PHE A 164 8.48 -9.76 21.30
N VAL A 165 8.59 -9.85 22.62
CA VAL A 165 7.68 -9.16 23.52
C VAL A 165 8.48 -8.59 24.68
N PHE A 166 8.10 -7.40 25.13
CA PHE A 166 8.70 -6.78 26.29
C PHE A 166 7.85 -7.07 27.52
N ASP A 167 8.47 -7.70 28.51
CA ASP A 167 7.86 -7.91 29.82
C ASP A 167 8.10 -6.64 30.62
N ASP A 168 7.09 -5.78 30.73
CA ASP A 168 7.27 -4.55 31.47
C ASP A 168 7.07 -4.73 32.98
N ILE A 169 6.61 -5.91 33.42
CA ILE A 169 6.64 -6.22 34.84
C ILE A 169 8.07 -6.39 35.32
N ARG A 170 8.90 -7.07 34.52
CA ARG A 170 10.26 -7.41 34.90
C ARG A 170 11.33 -6.68 34.12
N ASP A 171 10.96 -5.92 33.08
CA ASP A 171 11.91 -5.26 32.19
C ASP A 171 12.80 -6.29 31.48
N HIS A 172 12.16 -7.33 30.96
CA HIS A 172 12.85 -8.38 30.21
C HIS A 172 12.38 -8.37 28.78
N LEU A 173 13.32 -8.43 27.84
CA LEU A 173 12.98 -8.67 26.45
C LEU A 173 12.85 -10.18 26.22
N LEU A 174 11.72 -10.59 25.67
CA LEU A 174 11.42 -12.01 25.50
C LEU A 174 11.20 -12.33 24.02
N MET A 175 11.33 -13.62 23.70
CA MET A 175 11.10 -14.10 22.35
C MET A 175 10.44 -15.47 22.41
N VAL A 176 9.54 -15.72 21.45
CA VAL A 176 8.90 -17.02 21.35
C VAL A 176 9.96 -18.09 21.16
N ARG A 177 9.89 -19.16 21.95
CA ARG A 177 10.98 -20.12 22.03
C ARG A 177 10.98 -21.09 20.86
N ASP A 178 9.81 -21.60 20.45
CA ASP A 178 9.72 -22.65 19.44
C ASP A 178 8.70 -22.23 18.39
N VAL A 179 9.19 -21.94 17.19
CA VAL A 179 8.38 -21.39 16.11
C VAL A 179 8.59 -22.22 14.85
N ASN A 180 7.49 -22.57 14.19
CA ASN A 180 7.51 -23.18 12.86
C ASN A 180 6.48 -22.45 12.01
N ILE A 181 6.95 -21.57 11.12
CA ILE A 181 6.08 -20.74 10.29
C ILE A 181 6.46 -20.94 8.83
N SER A 182 5.46 -21.21 7.99
CA SER A 182 5.58 -21.12 6.54
C SER A 182 4.48 -20.20 6.04
N ASP A 183 4.80 -19.36 5.06
CA ASP A 183 3.94 -18.23 4.75
C ASP A 183 4.16 -17.76 3.32
N LYS A 184 3.08 -17.31 2.69
CA LYS A 184 3.13 -16.71 1.36
C LYS A 184 1.83 -15.94 1.13
N PRO A 185 1.89 -14.83 0.38
CA PRO A 185 0.69 -14.02 0.18
C PRO A 185 -0.28 -14.62 -0.82
N VAL A 186 -1.56 -14.38 -0.56
CA VAL A 186 -2.60 -14.84 -1.47
C VAL A 186 -2.59 -14.03 -2.77
N TYR A 187 -2.33 -12.72 -2.67
CA TYR A 187 -2.34 -11.85 -3.84
C TYR A 187 -0.98 -11.18 -4.03
N PRO A 188 -0.53 -11.00 -5.28
CA PRO A 188 0.77 -10.39 -5.52
C PRO A 188 0.78 -8.86 -5.48
N TYR A 189 -0.36 -8.21 -5.66
CA TYR A 189 -0.45 -6.74 -5.67
C TYR A 189 -1.17 -6.29 -4.41
N ARG A 190 -0.42 -5.73 -3.45
CA ARG A 190 -0.96 -5.27 -2.18
C ARG A 190 -0.47 -3.83 -1.99
N GLY A 191 -1.34 -2.86 -2.28
CA GLY A 191 -0.90 -1.51 -2.58
C GLY A 191 -1.64 -0.44 -1.80
N ILE A 192 -1.04 0.75 -1.84
CA ILE A 192 -1.66 2.00 -1.38
C ILE A 192 -1.50 3.02 -2.50
N LEU A 193 -2.59 3.67 -2.87
CA LEU A 193 -2.55 4.77 -3.82
C LEU A 193 -2.41 6.08 -3.05
N LEU A 194 -1.31 6.78 -3.28
CA LEU A 194 -1.08 8.07 -2.64
C LEU A 194 -1.16 9.18 -3.69
N ASP A 195 -2.16 10.04 -3.54
CA ASP A 195 -2.36 11.20 -4.41
C ASP A 195 -1.54 12.35 -3.84
N THR A 196 -0.48 12.75 -4.55
CA THR A 196 0.38 13.86 -4.14
C THR A 196 0.25 15.06 -5.07
N ALA A 197 -0.89 15.18 -5.75
CA ALA A 197 -1.15 16.32 -6.62
C ALA A 197 -2.29 17.21 -6.13
N ARG A 198 -3.33 16.63 -5.53
CA ARG A 198 -4.36 17.44 -4.90
C ARG A 198 -3.83 18.16 -3.67
N ASN A 199 -2.77 17.64 -3.07
CA ASN A 199 -2.01 18.29 -2.01
C ASN A 199 -0.63 17.64 -1.98
N TYR A 200 0.35 18.39 -1.49
CA TYR A 200 1.73 17.93 -1.50
C TYR A 200 2.03 17.11 -0.24
N TYR A 201 2.85 16.08 -0.42
CA TYR A 201 3.33 15.24 0.68
C TYR A 201 4.84 15.32 0.71
N SER A 202 5.40 15.61 1.88
CA SER A 202 6.85 15.66 2.02
C SER A 202 7.44 14.29 1.71
N ILE A 203 8.66 14.30 1.15
CA ILE A 203 9.35 13.05 0.85
C ILE A 203 9.53 12.23 2.12
N GLU A 204 9.78 12.91 3.25
CA GLU A 204 9.93 12.21 4.53
C GLU A 204 8.66 11.47 4.90
N SER A 205 7.50 12.08 4.67
CA SER A 205 6.23 11.40 4.99
C SER A 205 5.98 10.24 4.03
N ILE A 206 6.49 10.31 2.81
CA ILE A 206 6.33 9.20 1.87
C ILE A 206 7.19 8.02 2.28
N LYS A 207 8.43 8.29 2.71
CA LYS A 207 9.29 7.23 3.22
C LYS A 207 8.72 6.63 4.49
N ARG A 208 8.19 7.47 5.38
CA ARG A 208 7.52 6.97 6.58
C ARG A 208 6.38 6.03 6.22
N THR A 209 5.59 6.39 5.21
CA THR A 209 4.51 5.54 4.73
C THR A 209 5.05 4.18 4.26
N ILE A 210 6.17 4.20 3.52
CA ILE A 210 6.76 2.95 3.02
C ILE A 210 7.22 2.08 4.19
N GLU A 211 7.75 2.71 5.25
CA GLU A 211 8.13 1.97 6.45
C GLU A 211 6.94 1.20 7.01
N ALA A 212 5.81 1.90 7.20
CA ALA A 212 4.64 1.26 7.76
C ALA A 212 4.06 0.20 6.82
N MET A 213 4.15 0.43 5.51
CA MET A 213 3.72 -0.57 4.55
C MET A 213 4.52 -1.86 4.71
N ALA A 214 5.84 -1.75 4.76
CA ALA A 214 6.69 -2.93 4.91
C ALA A 214 6.42 -3.65 6.22
N ALA A 215 6.03 -2.92 7.27
CA ALA A 215 5.75 -3.55 8.56
C ALA A 215 4.59 -4.52 8.49
N VAL A 216 3.67 -4.36 7.53
CA VAL A 216 2.55 -5.26 7.36
C VAL A 216 2.54 -5.89 5.98
N LYS A 217 3.68 -5.87 5.29
CA LYS A 217 3.95 -6.64 4.07
C LYS A 217 3.17 -6.16 2.85
N LEU A 218 2.64 -4.94 2.87
CA LEU A 218 2.19 -4.33 1.63
C LEU A 218 3.40 -4.09 0.73
N ASN A 219 3.19 -4.17 -0.58
CA ASN A 219 4.33 -4.20 -1.49
C ASN A 219 4.25 -3.24 -2.68
N THR A 220 3.27 -2.34 -2.71
CA THR A 220 3.14 -1.44 -3.86
C THR A 220 2.69 -0.06 -3.41
N LEU A 221 3.52 0.96 -3.67
CA LEU A 221 3.12 2.34 -3.52
C LEU A 221 2.78 2.89 -4.90
N HIS A 222 1.49 3.10 -5.15
CA HIS A 222 1.01 3.69 -6.38
C HIS A 222 1.03 5.20 -6.21
N TRP A 223 1.97 5.86 -6.88
CA TRP A 223 2.24 7.29 -6.69
C TRP A 223 1.46 8.07 -7.74
N HIS A 224 0.26 8.52 -7.36
CA HIS A 224 -0.58 9.38 -8.20
C HIS A 224 0.00 10.79 -8.14
N ILE A 225 1.01 11.03 -9.00
CA ILE A 225 1.91 12.16 -8.82
C ILE A 225 1.51 13.42 -9.59
N THR A 226 0.56 13.33 -10.52
CA THR A 226 0.05 14.51 -11.20
C THR A 226 -1.47 14.47 -11.23
N ASP A 227 -2.06 15.65 -11.37
CA ASP A 227 -3.50 15.83 -11.54
C ASP A 227 -3.74 17.28 -11.94
N SER A 228 -5.01 17.69 -11.94
CA SER A 228 -5.35 19.04 -12.39
C SER A 228 -4.76 20.11 -11.48
N GLN A 229 -4.70 19.82 -10.18
CA GLN A 229 -4.37 20.85 -9.20
C GLN A 229 -2.88 21.17 -9.13
N SER A 230 -2.00 20.24 -9.52
CA SER A 230 -0.58 20.53 -9.43
C SER A 230 0.22 19.51 -10.25
N PHE A 231 1.46 19.90 -10.56
CA PHE A 231 2.39 19.06 -11.33
C PHE A 231 3.73 19.09 -10.59
N PRO A 232 3.86 18.34 -9.49
CA PRO A 232 5.11 18.35 -8.73
C PRO A 232 6.21 17.47 -9.29
N PHE A 233 5.92 16.61 -10.28
CA PHE A 233 6.94 15.75 -10.84
C PHE A 233 7.93 16.58 -11.66
N VAL A 234 9.22 16.47 -11.32
CA VAL A 234 10.26 17.24 -12.00
C VAL A 234 10.61 16.49 -13.28
N THR A 235 10.03 16.93 -14.41
CA THR A 235 10.38 16.38 -15.71
C THR A 235 11.47 17.24 -16.33
N THR A 236 12.64 16.65 -16.52
CA THR A 236 13.78 17.41 -17.05
C THR A 236 13.54 17.84 -18.49
N LYS A 237 12.81 17.04 -19.28
CA LYS A 237 12.63 17.32 -20.69
C LYS A 237 11.54 18.35 -20.95
N ARG A 238 10.58 18.50 -20.05
CA ARG A 238 9.51 19.50 -20.17
C ARG A 238 9.42 20.29 -18.89
N PRO A 239 10.45 21.10 -18.58
CA PRO A 239 10.54 21.70 -17.24
C PRO A 239 9.43 22.71 -16.93
N ASN A 240 8.81 23.31 -17.94
CA ASN A 240 7.74 24.26 -17.68
C ASN A 240 6.53 23.61 -17.02
N LEU A 241 6.37 22.31 -17.17
CA LEU A 241 5.23 21.62 -16.56
C LEU A 241 5.29 21.71 -15.04
N TYR A 242 6.44 21.39 -14.44
CA TYR A 242 6.54 21.49 -12.99
C TYR A 242 6.82 22.92 -12.54
N LYS A 243 7.51 23.72 -13.35
CA LYS A 243 7.75 25.10 -12.97
C LYS A 243 6.44 25.89 -12.87
N PHE A 244 5.53 25.69 -13.84
CA PHE A 244 4.22 26.32 -13.76
C PHE A 244 3.25 25.52 -12.91
N GLY A 245 3.43 24.20 -12.83
CA GLY A 245 2.44 23.35 -12.20
C GLY A 245 2.57 23.16 -10.71
N ALA A 246 3.78 23.33 -10.18
CA ALA A 246 4.00 23.10 -8.76
C ALA A 246 3.28 24.13 -7.92
N LEU A 247 2.83 23.69 -6.73
CA LEU A 247 2.21 24.61 -5.77
C LEU A 247 3.21 25.63 -5.24
N SER A 248 4.49 25.31 -5.30
CA SER A 248 5.57 26.18 -4.86
C SER A 248 6.89 25.55 -5.31
N PRO A 249 7.98 26.34 -5.39
CA PRO A 249 9.25 25.76 -5.84
C PRO A 249 9.75 24.62 -4.97
N GLN A 250 9.42 24.63 -3.68
CA GLN A 250 9.84 23.55 -2.78
C GLN A 250 8.92 22.35 -2.83
N LYS A 251 7.70 22.50 -3.34
CA LYS A 251 6.73 21.39 -3.37
C LYS A 251 6.81 20.68 -4.72
N VAL A 252 7.97 20.07 -4.94
CA VAL A 252 8.23 19.27 -6.14
C VAL A 252 8.88 17.97 -5.71
N TYR A 253 8.99 17.06 -6.67
CA TYR A 253 9.67 15.77 -6.47
C TYR A 253 10.78 15.69 -7.51
N THR A 254 12.00 16.00 -7.08
CA THR A 254 13.14 15.99 -7.97
C THR A 254 13.52 14.57 -8.34
N LYS A 255 14.40 14.44 -9.34
CA LYS A 255 14.93 13.13 -9.71
C LYS A 255 15.65 12.50 -8.54
N ALA A 256 16.44 13.28 -7.79
CA ALA A 256 17.15 12.74 -6.64
C ALA A 256 16.19 12.25 -5.56
N ALA A 257 15.12 13.01 -5.31
CA ALA A 257 14.17 12.62 -4.27
C ALA A 257 13.41 11.35 -4.66
N ILE A 258 12.98 11.27 -5.92
CA ILE A 258 12.26 10.08 -6.37
C ILE A 258 13.18 8.86 -6.33
N ARG A 259 14.43 9.02 -6.77
CA ARG A 259 15.40 7.92 -6.67
C ARG A 259 15.56 7.46 -5.22
N GLU A 260 15.59 8.41 -4.29
CA GLU A 260 15.61 8.06 -2.86
C GLU A 260 14.40 7.23 -2.48
N VAL A 261 13.21 7.68 -2.87
CA VAL A 261 11.98 6.97 -2.51
C VAL A 261 11.95 5.59 -3.16
N VAL A 262 12.35 5.50 -4.42
CA VAL A 262 12.33 4.23 -5.14
C VAL A 262 13.31 3.25 -4.50
N ARG A 263 14.51 3.72 -4.15
CA ARG A 263 15.48 2.87 -3.48
C ARG A 263 15.01 2.47 -2.09
N PHE A 264 14.52 3.43 -1.32
CA PHE A 264 13.93 3.16 -0.01
C PHE A 264 12.85 2.08 -0.10
N GLY A 265 12.05 2.11 -1.17
CA GLY A 265 11.01 1.10 -1.33
C GLY A 265 11.56 -0.26 -1.69
N LEU A 266 12.53 -0.30 -2.60
CA LEU A 266 13.12 -1.58 -3.01
C LEU A 266 13.72 -2.32 -1.82
N GLU A 267 14.48 -1.60 -0.99
CA GLU A 267 15.07 -2.19 0.21
C GLU A 267 14.03 -2.80 1.14
N ARG A 268 12.78 -2.33 1.07
CA ARG A 268 11.72 -2.81 1.94
C ARG A 268 10.67 -3.63 1.19
N GLY A 269 10.98 -4.07 -0.02
CA GLY A 269 10.06 -4.90 -0.78
C GLY A 269 8.86 -4.17 -1.32
N VAL A 270 8.95 -2.86 -1.53
CA VAL A 270 7.82 -2.04 -1.97
C VAL A 270 8.11 -1.54 -3.37
N ARG A 271 7.25 -1.91 -4.30
CA ARG A 271 7.32 -1.42 -5.68
C ARG A 271 6.70 -0.03 -5.75
N VAL A 272 7.46 0.94 -6.26
CA VAL A 272 6.99 2.32 -6.37
C VAL A 272 6.47 2.49 -7.80
N LEU A 273 5.16 2.51 -7.94
CA LEU A 273 4.48 2.47 -9.25
C LEU A 273 3.96 3.85 -9.61
N PRO A 274 4.49 4.51 -10.63
CA PRO A 274 4.03 5.85 -10.98
C PRO A 274 2.80 5.83 -11.86
N GLU A 275 2.01 6.89 -11.76
CA GLU A 275 0.85 7.09 -12.60
C GLU A 275 0.91 8.47 -13.23
N PHE A 276 0.69 8.54 -14.55
CA PHE A 276 0.35 9.80 -15.19
C PHE A 276 -1.09 9.70 -15.67
N ASP A 277 -1.99 10.33 -14.92
CA ASP A 277 -3.41 10.32 -15.25
C ASP A 277 -3.67 11.14 -16.52
N ALA A 278 -4.37 10.53 -17.47
CA ALA A 278 -4.64 11.18 -18.76
C ALA A 278 -5.85 10.49 -19.39
N PRO A 279 -6.61 11.20 -20.26
CA PRO A 279 -6.42 12.59 -20.70
C PRO A 279 -7.16 13.63 -19.85
N ALA A 280 -7.99 13.18 -18.93
CA ALA A 280 -8.56 14.08 -17.94
C ALA A 280 -7.57 14.23 -16.79
N HIS A 281 -7.95 14.95 -15.74
CA HIS A 281 -7.11 15.14 -14.55
C HIS A 281 -5.78 15.79 -14.91
N VAL A 282 -5.83 16.76 -15.82
CA VAL A 282 -4.68 17.59 -16.15
C VAL A 282 -5.10 19.05 -16.03
N GLY A 283 -4.11 19.93 -15.89
CA GLY A 283 -4.40 21.34 -15.75
C GLY A 283 -3.16 22.16 -15.47
N GLU A 284 -2.86 22.37 -14.19
CA GLU A 284 -1.71 23.17 -13.80
C GLU A 284 -0.43 22.60 -14.40
N GLY A 285 0.39 23.49 -14.96
CA GLY A 285 1.61 23.12 -15.62
C GLY A 285 1.54 23.17 -17.13
N TRP A 286 0.35 23.01 -17.70
CA TRP A 286 0.16 22.98 -19.13
C TRP A 286 -0.15 24.34 -19.73
N GLN A 287 -0.12 25.40 -18.93
CA GLN A 287 -0.37 26.74 -19.43
C GLN A 287 0.62 27.10 -20.53
N ASP A 288 0.13 27.84 -21.53
CA ASP A 288 0.90 28.34 -22.67
C ASP A 288 1.35 27.25 -23.64
N THR A 289 0.84 26.03 -23.51
CA THR A 289 1.13 24.98 -24.47
C THR A 289 0.03 24.80 -25.51
N ASP A 290 -1.19 25.26 -25.21
CA ASP A 290 -2.36 25.03 -26.06
C ASP A 290 -2.65 23.54 -26.25
N LEU A 291 -2.19 22.72 -25.30
CA LEU A 291 -2.38 21.29 -25.35
C LEU A 291 -3.51 20.80 -24.46
N THR A 292 -4.14 21.69 -23.71
CA THR A 292 -5.31 21.36 -22.90
C THR A 292 -6.50 22.20 -23.34
N VAL A 293 -7.68 21.79 -22.88
CA VAL A 293 -8.92 22.55 -23.07
C VAL A 293 -9.66 22.56 -21.75
N CYS A 294 -10.48 23.60 -21.56
CA CYS A 294 -11.37 23.77 -20.42
C CYS A 294 -10.64 24.02 -19.10
N PHE A 295 -9.36 24.38 -19.11
CA PHE A 295 -8.69 24.66 -17.84
C PHE A 295 -9.38 25.81 -17.13
N LYS A 296 -9.83 25.54 -15.91
CA LYS A 296 -10.54 26.53 -15.08
C LYS A 296 -11.86 26.96 -15.70
N ALA A 297 -12.45 26.10 -16.53
CA ALA A 297 -13.72 26.43 -17.18
C ALA A 297 -14.81 26.60 -16.13
N GLU A 298 -15.66 27.62 -16.34
CA GLU A 298 -16.74 27.96 -15.44
C GLU A 298 -18.07 28.00 -16.19
N PRO A 299 -19.16 27.49 -15.60
CA PRO A 299 -19.23 26.85 -14.28
C PRO A 299 -18.66 25.43 -14.30
N TRP A 300 -17.80 25.10 -13.33
CA TRP A 300 -17.06 23.85 -13.39
C TRP A 300 -17.97 22.64 -13.33
N LYS A 301 -19.15 22.77 -12.70
CA LYS A 301 -20.08 21.65 -12.63
C LYS A 301 -20.54 21.18 -14.00
N SER A 302 -20.49 22.04 -15.01
CA SER A 302 -20.91 21.68 -16.36
C SER A 302 -19.81 20.99 -17.16
N TYR A 303 -18.58 20.93 -16.64
CA TYR A 303 -17.45 20.46 -17.43
C TYR A 303 -16.55 19.42 -16.75
N CYS A 304 -16.65 19.22 -15.44
CA CYS A 304 -15.76 18.26 -14.80
C CYS A 304 -16.34 17.84 -13.46
N VAL A 305 -15.72 16.81 -12.87
CA VAL A 305 -16.19 16.24 -11.62
C VAL A 305 -15.87 17.15 -10.44
N GLU A 306 -14.73 17.83 -10.48
CA GLU A 306 -14.33 18.74 -9.41
C GLU A 306 -13.41 19.81 -9.98
N PRO A 307 -13.45 21.03 -9.44
CA PRO A 307 -12.58 22.08 -9.98
C PRO A 307 -11.13 21.85 -9.58
N PRO A 308 -10.17 22.28 -10.41
CA PRO A 308 -10.41 22.94 -11.70
C PRO A 308 -10.63 21.95 -12.84
N CYS A 309 -11.47 22.33 -13.81
CA CYS A 309 -11.62 21.52 -14.99
C CYS A 309 -10.37 21.59 -15.85
N GLY A 310 -10.29 20.70 -16.83
CA GLY A 310 -9.14 20.64 -17.70
C GLY A 310 -8.86 19.25 -18.23
N GLN A 311 -8.66 19.14 -19.54
CA GLN A 311 -8.35 17.87 -20.19
C GLN A 311 -7.35 18.11 -21.30
N LEU A 312 -6.60 17.06 -21.63
CA LEU A 312 -5.68 17.12 -22.75
C LEU A 312 -6.46 17.22 -24.07
N ASN A 313 -5.86 17.88 -25.06
CA ASN A 313 -6.42 17.95 -26.40
C ASN A 313 -5.77 16.85 -27.23
N PRO A 314 -6.43 15.72 -27.44
CA PRO A 314 -5.78 14.59 -28.15
C PRO A 314 -5.59 14.82 -29.65
N THR A 315 -6.11 15.91 -30.20
CA THR A 315 -5.97 16.19 -31.64
C THR A 315 -4.71 16.96 -31.99
N LYS A 316 -3.92 17.37 -30.99
CA LYS A 316 -2.67 18.09 -31.22
C LYS A 316 -1.52 17.10 -31.19
N ASP A 317 -0.82 16.95 -32.31
CA ASP A 317 0.23 15.95 -32.40
C ASP A 317 1.38 16.25 -31.45
N GLU A 318 1.59 17.52 -31.11
CA GLU A 318 2.66 17.87 -30.19
C GLU A 318 2.43 17.28 -28.80
N LEU A 319 1.16 17.03 -28.45
CA LEU A 319 0.83 16.45 -27.14
C LEU A 319 1.63 15.17 -26.90
N TYR A 320 1.68 14.29 -27.90
CA TYR A 320 2.32 12.99 -27.71
C TYR A 320 3.84 13.09 -27.65
N GLN A 321 4.41 14.20 -28.13
CA GLN A 321 5.82 14.45 -27.88
C GLN A 321 6.05 14.85 -26.43
N TYR A 322 5.13 15.64 -25.85
CA TYR A 322 5.17 15.92 -24.43
C TYR A 322 5.02 14.64 -23.62
N LEU A 323 4.00 13.84 -23.94
CA LEU A 323 3.74 12.61 -23.18
C LEU A 323 4.93 11.66 -23.24
N GLU A 324 5.53 11.49 -24.42
CA GLU A 324 6.70 10.63 -24.52
C GLU A 324 7.82 11.11 -23.61
N ASP A 325 8.00 12.43 -23.50
CA ASP A 325 9.07 12.97 -22.66
C ASP A 325 8.74 12.77 -21.18
N ILE A 326 7.49 13.03 -20.79
CA ILE A 326 7.07 12.79 -19.42
C ILE A 326 7.28 11.33 -19.03
N TYR A 327 6.75 10.41 -19.85
CA TYR A 327 6.88 8.99 -19.56
C TYR A 327 8.34 8.56 -19.50
N SER A 328 9.19 9.13 -20.37
CA SER A 328 10.61 8.78 -20.36
C SER A 328 11.29 9.26 -19.09
N ASP A 329 10.97 10.48 -18.64
CA ASP A 329 11.53 10.98 -17.39
C ASP A 329 11.04 10.14 -16.21
N MET A 330 9.78 9.69 -16.27
CA MET A 330 9.26 8.80 -15.23
C MET A 330 9.98 7.47 -15.24
N ALA A 331 10.17 6.88 -16.43
CA ALA A 331 10.83 5.59 -16.53
C ALA A 331 12.26 5.66 -16.03
N GLU A 332 12.91 6.82 -16.15
CA GLU A 332 14.31 6.93 -15.75
C GLU A 332 14.46 6.79 -14.24
N VAL A 333 13.57 7.42 -13.46
CA VAL A 333 13.73 7.45 -12.01
C VAL A 333 12.85 6.40 -11.35
N PHE A 334 11.71 6.08 -11.95
CA PHE A 334 10.88 4.97 -11.49
C PHE A 334 11.33 3.67 -12.16
N ASP A 335 12.56 3.26 -11.85
CA ASP A 335 13.21 2.18 -12.59
C ASP A 335 13.13 0.82 -11.88
N THR A 336 12.30 0.69 -10.84
CA THR A 336 12.00 -0.62 -10.30
C THR A 336 10.62 -1.12 -10.71
N THR A 337 9.77 -0.25 -11.29
CA THR A 337 8.41 -0.65 -11.59
C THR A 337 8.37 -1.54 -12.83
N ASP A 338 7.52 -2.57 -12.76
CA ASP A 338 7.23 -3.45 -13.88
C ASP A 338 5.91 -3.09 -14.54
N ILE A 339 5.19 -2.11 -13.99
CA ILE A 339 3.86 -1.74 -14.43
C ILE A 339 3.80 -0.22 -14.50
N PHE A 340 3.01 0.30 -15.44
CA PHE A 340 2.78 1.73 -15.57
C PHE A 340 1.28 2.00 -15.50
N HIS A 341 0.90 2.94 -14.64
CA HIS A 341 -0.49 3.34 -14.50
C HIS A 341 -0.74 4.58 -15.35
N MET A 342 -1.71 4.48 -16.25
CA MET A 342 -2.01 5.57 -17.19
C MET A 342 -3.34 6.23 -16.87
N GLY A 343 -3.86 6.04 -15.65
CA GLY A 343 -5.05 6.72 -15.21
C GLY A 343 -6.33 6.25 -15.88
N GLY A 344 -6.74 6.93 -16.94
CA GLY A 344 -8.00 6.60 -17.59
C GLY A 344 -9.23 7.02 -16.82
N ASP A 345 -9.10 7.98 -15.91
CA ASP A 345 -10.25 8.50 -15.18
C ASP A 345 -11.26 9.09 -16.16
N GLU A 346 -12.53 9.07 -15.76
CA GLU A 346 -13.64 9.37 -16.66
C GLU A 346 -13.45 10.73 -17.34
N VAL A 347 -13.54 10.72 -18.67
CA VAL A 347 -13.39 11.93 -19.46
C VAL A 347 -14.74 12.65 -19.55
N SER A 348 -14.67 13.98 -19.62
CA SER A 348 -15.86 14.81 -19.80
C SER A 348 -16.02 15.14 -21.28
N GLU A 349 -17.16 14.73 -21.86
CA GLU A 349 -17.44 15.05 -23.25
C GLU A 349 -17.79 16.52 -23.41
N ALA A 350 -18.52 17.08 -22.45
CA ALA A 350 -18.85 18.51 -22.48
C ALA A 350 -17.58 19.35 -22.59
N CYS A 351 -16.51 18.92 -21.93
CA CYS A 351 -15.23 19.63 -22.04
C CYS A 351 -14.67 19.51 -23.45
N TRP A 352 -14.61 18.29 -23.99
CA TRP A 352 -14.04 18.10 -25.32
C TRP A 352 -14.92 18.72 -26.41
N ASN A 353 -16.24 18.73 -26.21
CA ASN A 353 -17.15 19.22 -27.23
C ASN A 353 -17.17 20.74 -27.34
N SER A 354 -16.67 21.44 -26.33
CA SER A 354 -16.63 22.90 -26.33
C SER A 354 -15.38 23.47 -27.00
N SER A 355 -14.59 22.62 -27.65
CA SER A 355 -13.32 23.04 -28.24
C SER A 355 -13.49 23.22 -29.75
N ASP A 356 -12.98 24.35 -30.25
CA ASP A 356 -13.00 24.61 -31.69
C ASP A 356 -12.25 23.53 -32.46
N SER A 357 -10.96 23.37 -32.15
CA SER A 357 -10.11 22.47 -32.91
C SER A 357 -10.56 21.01 -32.80
N ILE A 358 -11.13 20.63 -31.67
CA ILE A 358 -11.53 19.23 -31.47
C ILE A 358 -12.71 18.88 -32.36
N GLN A 359 -13.71 19.78 -32.44
CA GLN A 359 -14.86 19.51 -33.30
C GLN A 359 -14.47 19.49 -34.76
N ASN A 360 -13.62 20.42 -35.20
CA ASN A 360 -13.13 20.39 -36.58
C ASN A 360 -12.38 19.10 -36.86
N PHE A 361 -11.60 18.62 -35.89
CA PHE A 361 -10.89 17.35 -36.07
C PHE A 361 -11.87 16.20 -36.27
N MET A 362 -13.00 16.22 -35.55
CA MET A 362 -13.94 15.10 -35.63
C MET A 362 -14.79 15.16 -36.89
N MET A 363 -15.02 16.36 -37.43
CA MET A 363 -15.67 16.46 -38.73
C MET A 363 -14.81 15.81 -39.81
N GLN A 364 -13.53 16.18 -39.86
CA GLN A 364 -12.64 15.74 -40.94
C GLN A 364 -12.49 14.23 -41.02
N ASN A 365 -12.75 13.50 -39.93
CA ASN A 365 -12.58 12.06 -39.90
C ASN A 365 -13.91 11.31 -39.96
N ARG A 366 -14.95 11.96 -40.48
CA ARG A 366 -16.30 11.40 -40.62
C ARG A 366 -16.97 11.08 -39.28
N TRP A 367 -16.49 11.63 -38.18
CA TRP A 367 -17.08 11.41 -36.86
C TRP A 367 -18.12 12.48 -36.60
N ASP A 368 -19.21 12.07 -35.97
CA ASP A 368 -20.24 12.97 -35.48
C ASP A 368 -19.79 13.55 -34.15
N LEU A 369 -20.69 14.23 -33.44
CA LEU A 369 -20.42 14.78 -32.13
C LEU A 369 -21.33 14.14 -31.08
N ASP A 370 -21.61 12.86 -31.25
CA ASP A 370 -22.41 12.11 -30.29
C ASP A 370 -21.53 11.49 -29.21
N LYS A 371 -22.20 10.87 -28.24
CA LYS A 371 -21.48 10.24 -27.13
C LYS A 371 -20.50 9.18 -27.63
N GLU A 372 -20.92 8.38 -28.62
CA GLU A 372 -20.05 7.31 -29.11
C GLU A 372 -18.78 7.85 -29.76
N SER A 373 -18.85 9.04 -30.37
CA SER A 373 -17.69 9.60 -31.06
C SER A 373 -16.61 10.07 -30.11
N PHE A 374 -17.00 10.63 -28.99
CA PHE A 374 -16.00 11.08 -28.03
C PHE A 374 -15.34 9.89 -27.37
N LEU A 375 -16.06 8.79 -27.19
CA LEU A 375 -15.42 7.53 -26.81
C LEU A 375 -14.39 7.12 -27.86
N LYS A 376 -14.68 7.38 -29.14
CA LYS A 376 -13.74 7.07 -30.20
C LYS A 376 -12.51 7.99 -30.15
N LEU A 377 -12.72 9.25 -29.77
CA LEU A 377 -11.59 10.15 -29.56
C LEU A 377 -10.73 9.69 -28.39
N TRP A 378 -11.38 9.26 -27.29
CA TRP A 378 -10.64 8.75 -26.15
C TRP A 378 -9.81 7.53 -26.52
N ASN A 379 -10.38 6.62 -27.32
CA ASN A 379 -9.62 5.47 -27.79
C ASN A 379 -8.44 5.91 -28.65
N TYR A 380 -8.67 6.91 -29.51
CA TYR A 380 -7.58 7.47 -30.32
C TYR A 380 -6.46 7.98 -29.42
N PHE A 381 -6.80 8.68 -28.34
CA PHE A 381 -5.77 9.19 -27.44
C PHE A 381 -5.01 8.05 -26.77
N GLN A 382 -5.74 7.10 -26.16
CA GLN A 382 -5.08 6.07 -25.37
C GLN A 382 -4.16 5.21 -26.22
N GLN A 383 -4.52 4.96 -27.48
CA GLN A 383 -3.66 4.18 -28.35
C GLN A 383 -2.33 4.88 -28.59
N LYS A 384 -2.38 6.17 -28.92
CA LYS A 384 -1.15 6.92 -29.17
C LYS A 384 -0.35 7.12 -27.89
N ALA A 385 -1.04 7.41 -26.77
CA ALA A 385 -0.35 7.53 -25.49
C ALA A 385 0.32 6.22 -25.10
N GLN A 386 -0.39 5.11 -25.28
CA GLN A 386 0.15 3.81 -24.93
C GLN A 386 1.43 3.50 -25.72
N ASP A 387 1.48 3.93 -26.98
CA ASP A 387 2.68 3.69 -27.78
C ASP A 387 3.87 4.47 -27.21
N LYS A 388 3.64 5.71 -26.79
CA LYS A 388 4.72 6.50 -26.20
C LYS A 388 5.20 5.88 -24.90
N ALA A 389 4.28 5.32 -24.11
CA ALA A 389 4.67 4.66 -22.87
C ALA A 389 5.59 3.48 -23.14
N TYR A 390 5.28 2.66 -24.15
CA TYR A 390 6.15 1.55 -24.50
C TYR A 390 7.52 2.04 -24.95
N LYS A 391 7.56 3.09 -25.78
CA LYS A 391 8.84 3.64 -26.20
C LYS A 391 9.61 4.21 -25.02
N ALA A 392 8.90 4.81 -24.07
CA ALA A 392 9.56 5.43 -22.93
C ALA A 392 10.20 4.38 -22.03
N PHE A 393 9.46 3.32 -21.71
CA PHE A 393 10.00 2.26 -20.87
C PHE A 393 10.86 1.27 -21.64
N GLY A 394 11.03 1.46 -22.95
CA GLY A 394 11.91 0.62 -23.73
C GLY A 394 11.46 -0.82 -23.85
N LYS A 395 10.18 -1.09 -23.61
CA LYS A 395 9.63 -2.44 -23.66
C LYS A 395 8.12 -2.34 -23.49
N LYS A 396 7.41 -3.37 -23.95
CA LYS A 396 6.02 -3.49 -23.58
C LYS A 396 5.91 -3.95 -22.14
N LEU A 397 4.95 -3.38 -21.40
CA LEU A 397 4.76 -3.69 -20.00
C LEU A 397 3.30 -3.48 -19.67
N PRO A 398 2.80 -4.14 -18.61
CA PRO A 398 1.37 -3.99 -18.28
C PRO A 398 1.03 -2.54 -17.96
N LEU A 399 -0.14 -2.12 -18.45
CA LEU A 399 -0.66 -0.79 -18.20
C LEU A 399 -1.96 -0.89 -17.41
N ILE A 400 -2.18 0.04 -16.49
CA ILE A 400 -3.37 0.06 -15.65
C ILE A 400 -4.27 1.22 -16.06
N LEU A 401 -5.56 0.95 -16.12
CA LEU A 401 -6.58 1.96 -16.29
C LEU A 401 -7.71 1.71 -15.31
N TRP A 402 -8.38 2.78 -14.90
CA TRP A 402 -9.52 2.66 -14.02
C TRP A 402 -10.74 2.14 -14.78
N THR A 403 -11.68 1.56 -14.04
CA THR A 403 -12.99 1.30 -14.61
C THR A 403 -13.63 2.61 -15.02
N SER A 404 -14.14 2.66 -16.24
CA SER A 404 -14.68 3.89 -16.79
C SER A 404 -15.59 3.55 -17.97
N THR A 405 -16.11 4.60 -18.61
CA THR A 405 -16.82 4.43 -19.88
C THR A 405 -15.94 3.71 -20.89
N LEU A 406 -14.64 4.05 -20.93
CA LEU A 406 -13.74 3.45 -21.89
C LEU A 406 -13.55 1.96 -21.65
N THR A 407 -13.55 1.52 -20.40
CA THR A 407 -13.27 0.14 -20.06
C THR A 407 -14.52 -0.65 -19.67
N ASN A 408 -15.70 -0.13 -20.00
CA ASN A 408 -16.93 -0.93 -19.93
C ASN A 408 -16.70 -2.25 -20.64
N TYR A 409 -16.97 -3.36 -19.93
CA TYR A 409 -16.67 -4.68 -20.48
C TYR A 409 -17.42 -4.95 -21.78
N LYS A 410 -18.53 -4.24 -22.01
CA LYS A 410 -19.31 -4.50 -23.23
C LYS A 410 -18.55 -4.11 -24.49
N HIS A 411 -17.64 -3.14 -24.40
CA HIS A 411 -16.88 -2.72 -25.57
C HIS A 411 -15.38 -2.55 -25.31
N ILE A 412 -14.88 -3.01 -24.15
CA ILE A 412 -13.48 -2.79 -23.80
C ILE A 412 -12.55 -3.47 -24.80
N ASP A 413 -12.99 -4.56 -25.42
CA ASP A 413 -12.16 -5.29 -26.35
C ASP A 413 -11.98 -4.57 -27.68
N ASP A 414 -12.73 -3.49 -27.93
CA ASP A 414 -12.65 -2.82 -29.23
C ASP A 414 -11.24 -2.32 -29.51
N TYR A 415 -10.53 -1.86 -28.48
CA TYR A 415 -9.14 -1.46 -28.66
C TYR A 415 -8.21 -1.90 -27.54
N LEU A 416 -8.69 -2.19 -26.34
CA LEU A 416 -7.85 -2.76 -25.30
C LEU A 416 -7.86 -4.29 -25.42
N ASN A 417 -6.98 -4.92 -24.65
CA ASN A 417 -6.94 -6.37 -24.55
C ASN A 417 -6.44 -6.75 -23.17
N LYS A 418 -6.89 -7.92 -22.68
CA LYS A 418 -6.64 -8.30 -21.30
C LYS A 418 -5.18 -8.65 -21.04
N ASP A 419 -4.35 -8.76 -22.06
CA ASP A 419 -2.94 -9.06 -21.85
C ASP A 419 -2.10 -7.80 -21.63
N ASP A 420 -2.54 -6.66 -22.19
CA ASP A 420 -1.79 -5.43 -22.08
C ASP A 420 -2.32 -4.49 -21.01
N TYR A 421 -3.55 -4.69 -20.54
CA TYR A 421 -4.20 -3.73 -19.66
C TYR A 421 -4.74 -4.43 -18.42
N ILE A 422 -4.35 -3.92 -17.26
CA ILE A 422 -4.95 -4.27 -15.97
C ILE A 422 -5.97 -3.19 -15.63
N ILE A 423 -7.09 -3.60 -15.05
CA ILE A 423 -8.18 -2.68 -14.73
C ILE A 423 -8.24 -2.51 -13.22
N GLN A 424 -8.14 -1.26 -12.77
CA GLN A 424 -8.34 -0.93 -11.37
C GLN A 424 -9.81 -0.55 -11.16
N VAL A 425 -10.42 -1.13 -10.13
CA VAL A 425 -11.86 -1.11 -9.94
C VAL A 425 -12.19 -0.22 -8.76
N TRP A 426 -13.00 0.82 -8.99
CA TRP A 426 -13.54 1.64 -7.92
C TRP A 426 -14.98 1.31 -7.59
N THR A 427 -15.69 0.59 -8.46
CA THR A 427 -17.08 0.26 -8.24
C THR A 427 -17.22 -0.68 -7.04
N THR A 428 -18.43 -0.72 -6.49
CA THR A 428 -18.72 -1.64 -5.40
C THR A 428 -18.55 -3.08 -5.86
N GLY A 429 -18.26 -3.96 -4.90
CA GLY A 429 -18.02 -5.36 -5.20
C GLY A 429 -19.18 -6.09 -5.83
N VAL A 430 -20.38 -5.50 -5.82
CA VAL A 430 -21.56 -6.11 -6.41
C VAL A 430 -21.93 -5.46 -7.74
N ASP A 431 -21.07 -4.58 -8.26
CA ASP A 431 -21.35 -3.96 -9.55
C ASP A 431 -21.20 -4.98 -10.68
N PRO A 432 -22.12 -4.99 -11.65
CA PRO A 432 -22.04 -5.98 -12.73
C PRO A 432 -20.78 -5.86 -13.58
N GLN A 433 -20.12 -4.70 -13.57
CA GLN A 433 -18.91 -4.52 -14.38
C GLN A 433 -17.81 -5.47 -13.99
N ILE A 434 -17.74 -5.83 -12.70
CA ILE A 434 -16.68 -6.73 -12.23
C ILE A 434 -16.84 -8.11 -12.85
N LYS A 435 -18.06 -8.65 -12.83
CA LYS A 435 -18.31 -9.96 -13.43
C LYS A 435 -18.07 -9.92 -14.93
N GLY A 436 -18.58 -8.88 -15.60
CA GLY A 436 -18.37 -8.77 -17.04
C GLY A 436 -16.91 -8.70 -17.41
N LEU A 437 -16.11 -7.96 -16.64
CA LEU A 437 -14.68 -7.86 -16.91
C LEU A 437 -13.98 -9.19 -16.69
N LEU A 438 -14.31 -9.87 -15.59
CA LEU A 438 -13.62 -11.12 -15.27
C LEU A 438 -13.92 -12.20 -16.30
N GLU A 439 -15.16 -12.26 -16.78
CA GLU A 439 -15.50 -13.26 -17.78
C GLU A 439 -14.78 -13.00 -19.11
N LYS A 440 -14.40 -11.75 -19.36
CA LYS A 440 -13.63 -11.42 -20.55
C LYS A 440 -12.13 -11.59 -20.33
N GLY A 441 -11.72 -12.17 -19.21
CA GLY A 441 -10.33 -12.50 -18.96
C GLY A 441 -9.49 -11.37 -18.39
N TYR A 442 -10.08 -10.24 -18.04
CA TYR A 442 -9.30 -9.10 -17.57
C TYR A 442 -8.87 -9.29 -16.13
N ARG A 443 -7.70 -8.76 -15.80
CA ARG A 443 -7.16 -8.81 -14.46
C ARG A 443 -7.52 -7.53 -13.71
N LEU A 444 -7.76 -7.65 -12.41
CA LEU A 444 -8.35 -6.57 -11.64
C LEU A 444 -7.51 -6.23 -10.42
N ILE A 445 -7.55 -4.96 -10.05
CA ILE A 445 -7.07 -4.46 -8.76
C ILE A 445 -8.26 -3.83 -8.07
N MET A 446 -8.63 -4.35 -6.90
CA MET A 446 -9.83 -3.89 -6.22
C MET A 446 -9.53 -2.63 -5.41
N SER A 447 -10.26 -1.56 -5.67
CA SER A 447 -10.23 -0.35 -4.84
C SER A 447 -11.66 0.15 -4.66
N ASN A 448 -12.55 -0.77 -4.29
CA ASN A 448 -13.98 -0.48 -4.10
C ASN A 448 -14.16 0.73 -3.21
N TYR A 449 -14.80 1.77 -3.75
CA TYR A 449 -14.90 3.03 -3.02
C TYR A 449 -15.73 2.92 -1.74
N ASP A 450 -16.56 1.88 -1.61
CA ASP A 450 -17.33 1.70 -0.39
C ASP A 450 -16.55 0.97 0.70
N ALA A 451 -15.34 0.51 0.40
CA ALA A 451 -14.49 -0.11 1.42
C ALA A 451 -13.04 0.32 1.38
N LEU A 452 -12.56 0.95 0.31
CA LEU A 452 -11.13 1.20 0.15
C LEU A 452 -10.81 2.63 -0.26
N TYR A 453 -11.77 3.55 -0.20
CA TYR A 453 -11.50 4.97 -0.41
C TYR A 453 -11.28 5.58 0.96
N PHE A 454 -10.02 5.80 1.32
CA PHE A 454 -9.66 6.22 2.67
C PHE A 454 -9.88 7.70 2.91
N ASP A 455 -10.32 8.45 1.91
CA ASP A 455 -10.61 9.87 2.07
C ASP A 455 -12.05 10.14 2.50
N CYS A 456 -12.93 9.15 2.43
CA CYS A 456 -14.34 9.35 2.68
C CYS A 456 -14.61 9.69 4.14
N GLY A 457 -15.60 10.55 4.37
CA GLY A 457 -16.18 10.75 5.69
C GLY A 457 -16.03 12.15 6.26
N TYR A 458 -15.12 12.96 5.73
CA TYR A 458 -14.81 14.24 6.35
C TYR A 458 -15.78 15.30 5.83
N GLY A 459 -15.56 16.55 6.24
CA GLY A 459 -16.41 17.63 5.79
C GLY A 459 -16.29 17.84 4.29
N ALA A 460 -17.29 18.55 3.75
CA ALA A 460 -17.24 18.94 2.35
C ALA A 460 -16.11 19.93 2.14
N TRP A 461 -15.47 19.84 0.97
CA TRP A 461 -14.48 20.83 0.58
C TRP A 461 -14.97 21.77 -0.51
N VAL A 462 -16.15 21.52 -1.06
CA VAL A 462 -16.94 22.53 -1.77
C VAL A 462 -18.31 22.58 -1.11
N GLY A 463 -18.75 23.77 -0.73
CA GLY A 463 -19.99 23.83 0.01
C GLY A 463 -19.85 23.23 1.40
N ALA A 464 -20.99 22.89 1.99
CA ALA A 464 -21.07 22.38 3.35
C ALA A 464 -21.51 20.93 3.36
N GLY A 465 -21.55 20.35 4.55
CA GLY A 465 -21.93 18.95 4.71
C GLY A 465 -20.70 18.07 4.86
N ASN A 466 -20.71 16.93 4.16
CA ASN A 466 -19.61 15.98 4.16
C ASN A 466 -19.20 15.68 2.73
N ASN A 467 -18.03 15.06 2.57
CA ASN A 467 -17.55 14.83 1.21
C ASN A 467 -18.34 13.71 0.55
N TRP A 468 -18.10 13.53 -0.75
CA TRP A 468 -19.06 12.84 -1.61
C TRP A 468 -19.26 11.37 -1.23
N CYS A 469 -18.21 10.69 -0.77
CA CYS A 469 -18.30 9.26 -0.52
C CYS A 469 -18.41 8.92 0.96
N SER A 470 -18.78 9.89 1.80
CA SER A 470 -19.07 9.60 3.21
C SER A 470 -20.15 8.52 3.30
N PRO A 471 -20.20 7.78 4.42
CA PRO A 471 -19.47 7.92 5.69
C PRO A 471 -18.02 7.43 5.70
N TYR A 472 -17.34 7.74 6.79
CA TYR A 472 -15.97 7.27 7.03
C TYR A 472 -15.95 5.74 7.12
N ILE A 473 -14.98 5.13 6.45
CA ILE A 473 -14.89 3.68 6.36
C ILE A 473 -14.01 3.17 7.50
N GLY A 474 -14.62 2.50 8.47
CA GLY A 474 -13.85 1.91 9.55
C GLY A 474 -13.06 0.69 9.09
N TRP A 475 -12.06 0.33 9.91
CA TRP A 475 -11.19 -0.81 9.57
C TRP A 475 -11.98 -2.10 9.47
N GLN A 476 -13.07 -2.23 10.23
CA GLN A 476 -13.90 -3.42 10.15
C GLN A 476 -14.40 -3.65 8.73
N LYS A 477 -14.75 -2.56 8.03
CA LYS A 477 -15.31 -2.68 6.69
C LYS A 477 -14.24 -3.02 5.66
N VAL A 478 -13.04 -2.44 5.79
CA VAL A 478 -12.00 -2.77 4.81
C VAL A 478 -11.47 -4.19 5.04
N TYR A 479 -11.53 -4.68 6.29
CA TYR A 479 -11.11 -6.05 6.55
C TYR A 479 -12.05 -7.05 5.89
N ASP A 480 -13.36 -6.85 6.03
CA ASP A 480 -14.34 -7.80 5.53
C ASP A 480 -14.52 -7.77 4.03
N ASN A 481 -14.04 -6.71 3.35
CA ASN A 481 -14.15 -6.59 1.90
C ASN A 481 -13.22 -7.60 1.26
N SER A 482 -13.77 -8.72 0.77
CA SER A 482 -12.97 -9.82 0.25
C SER A 482 -13.01 -9.86 -1.26
N PRO A 483 -11.86 -9.75 -1.94
CA PRO A 483 -11.85 -9.93 -3.40
C PRO A 483 -12.27 -11.33 -3.83
N ALA A 484 -11.94 -12.36 -3.03
CA ALA A 484 -12.33 -13.73 -3.36
C ALA A 484 -13.85 -13.85 -3.44
N VAL A 485 -14.56 -13.22 -2.50
CA VAL A 485 -16.02 -13.20 -2.57
C VAL A 485 -16.48 -12.42 -3.80
N ILE A 486 -15.76 -11.36 -4.15
CA ILE A 486 -16.18 -10.50 -5.26
C ILE A 486 -15.94 -11.18 -6.60
N ALA A 487 -14.89 -11.99 -6.71
CA ALA A 487 -14.50 -12.59 -7.98
C ALA A 487 -14.97 -14.04 -8.16
N LEU A 488 -15.19 -14.76 -7.07
CA LEU A 488 -15.70 -16.14 -7.10
C LEU A 488 -14.73 -17.01 -7.89
N GLU A 489 -15.14 -17.68 -8.96
CA GLU A 489 -14.27 -18.64 -9.62
C GLU A 489 -13.09 -17.98 -10.33
N HIS A 490 -13.21 -16.71 -10.72
CA HIS A 490 -12.15 -16.00 -11.41
C HIS A 490 -11.14 -15.36 -10.45
N ARG A 491 -10.91 -15.99 -9.29
CA ARG A 491 -10.09 -15.38 -8.24
C ARG A 491 -8.68 -15.08 -8.73
N ASP A 492 -8.10 -15.99 -9.52
CA ASP A 492 -6.72 -15.81 -9.95
C ASP A 492 -6.52 -14.57 -10.82
N GLN A 493 -7.59 -14.08 -11.45
CA GLN A 493 -7.48 -12.86 -12.24
C GLN A 493 -7.44 -11.61 -11.37
N VAL A 494 -7.83 -11.71 -10.10
CA VAL A 494 -7.68 -10.59 -9.18
C VAL A 494 -6.22 -10.55 -8.75
N LEU A 495 -5.51 -9.51 -9.18
CA LEU A 495 -4.11 -9.34 -8.77
C LEU A 495 -3.99 -8.88 -7.32
N GLY A 496 -5.07 -8.37 -6.73
CA GLY A 496 -5.01 -7.88 -5.38
C GLY A 496 -5.87 -6.64 -5.17
N GLY A 497 -5.48 -5.79 -4.22
CA GLY A 497 -6.27 -4.61 -3.94
C GLY A 497 -5.38 -3.45 -3.56
N GLU A 498 -6.01 -2.28 -3.41
CA GLU A 498 -5.26 -1.05 -3.17
C GLU A 498 -6.14 -0.08 -2.41
N ALA A 499 -5.68 0.38 -1.25
CA ALA A 499 -6.35 1.45 -0.54
C ALA A 499 -6.01 2.77 -1.21
N ALA A 500 -7.03 3.60 -1.46
CA ALA A 500 -6.85 4.85 -2.19
C ALA A 500 -6.96 6.02 -1.22
N LEU A 501 -5.89 6.79 -1.10
CA LEU A 501 -5.90 8.04 -0.35
C LEU A 501 -5.88 9.18 -1.36
N TRP A 502 -7.05 9.59 -1.81
CA TRP A 502 -7.18 10.83 -2.54
C TRP A 502 -6.97 12.01 -1.59
N SER A 503 -6.42 13.10 -2.11
CA SER A 503 -5.80 14.10 -1.24
C SER A 503 -6.38 15.50 -1.39
N GLU A 504 -7.63 15.66 -1.84
CA GLU A 504 -8.17 17.01 -1.77
C GLU A 504 -8.40 17.45 -0.33
N GLN A 505 -8.40 16.52 0.63
CA GLN A 505 -8.48 16.82 2.05
C GLN A 505 -7.46 16.02 2.84
N SER A 506 -6.25 15.86 2.30
CA SER A 506 -5.19 15.15 2.99
C SER A 506 -3.84 15.61 2.47
N ASP A 507 -2.87 15.71 3.38
CA ASP A 507 -1.51 16.10 2.98
C ASP A 507 -0.53 15.51 4.00
N THR A 508 0.68 16.09 4.06
CA THR A 508 1.72 15.63 4.95
C THR A 508 1.22 15.43 6.38
N SER A 509 0.36 16.34 6.85
CA SER A 509 -0.05 16.34 8.26
C SER A 509 -1.04 15.23 8.59
N THR A 510 -1.85 14.80 7.62
CA THR A 510 -2.91 13.83 7.86
C THR A 510 -2.58 12.44 7.33
N LEU A 511 -1.39 12.26 6.76
CA LEU A 511 -1.06 11.03 6.05
C LEU A 511 -1.13 9.81 6.98
N ASP A 512 -0.47 9.90 8.14
CA ASP A 512 -0.41 8.77 9.05
C ASP A 512 -1.81 8.32 9.48
N GLY A 513 -2.67 9.27 9.86
CA GLY A 513 -3.99 8.91 10.35
C GLY A 513 -4.91 8.39 9.27
N ARG A 514 -4.79 8.90 8.05
CA ARG A 514 -5.61 8.40 6.95
C ARG A 514 -5.32 6.93 6.67
N LEU A 515 -4.04 6.57 6.64
CA LEU A 515 -3.63 5.24 6.20
C LEU A 515 -3.59 4.23 7.33
N TRP A 516 -3.24 4.65 8.55
CA TRP A 516 -2.96 3.66 9.58
C TRP A 516 -3.88 3.86 10.78
N PRO A 517 -4.41 2.77 11.35
CA PRO A 517 -4.07 1.40 10.96
C PRO A 517 -4.98 0.75 9.91
N ARG A 518 -5.80 1.53 9.21
CA ARG A 518 -6.81 0.94 8.33
C ARG A 518 -6.17 0.15 7.19
N ALA A 519 -5.04 0.62 6.67
CA ALA A 519 -4.36 -0.11 5.59
C ALA A 519 -3.81 -1.45 6.07
N ALA A 520 -3.63 -1.63 7.39
CA ALA A 520 -3.25 -2.95 7.90
C ALA A 520 -4.37 -3.96 7.73
N ALA A 521 -5.62 -3.50 7.81
CA ALA A 521 -6.75 -4.39 7.55
C ALA A 521 -6.71 -4.92 6.13
N LEU A 522 -6.45 -4.03 5.16
CA LEU A 522 -6.27 -4.48 3.78
C LEU A 522 -5.05 -5.38 3.65
N ALA A 523 -4.00 -5.12 4.45
CA ALA A 523 -2.78 -5.92 4.36
C ALA A 523 -3.06 -7.38 4.71
N GLU A 524 -3.81 -7.63 5.78
CA GLU A 524 -4.11 -9.01 6.15
C GLU A 524 -5.11 -9.63 5.18
N ARG A 525 -6.10 -8.85 4.73
CA ARG A 525 -7.08 -9.36 3.77
C ARG A 525 -6.40 -9.83 2.49
N LEU A 526 -5.42 -9.07 2.00
CA LEU A 526 -4.73 -9.42 0.77
C LEU A 526 -3.62 -10.44 0.99
N TRP A 527 -3.03 -10.49 2.18
CA TRP A 527 -1.96 -11.47 2.43
C TRP A 527 -2.54 -12.84 2.73
N ALA A 528 -3.65 -12.92 3.48
CA ALA A 528 -4.13 -14.18 4.01
C ALA A 528 -5.50 -14.60 3.51
N GLU A 529 -6.30 -13.68 2.97
CA GLU A 529 -7.69 -13.91 2.58
C GLU A 529 -8.43 -14.79 3.59
N PRO A 530 -8.55 -14.35 4.84
CA PRO A 530 -9.14 -15.21 5.87
C PRO A 530 -10.63 -15.44 5.62
N ALA A 531 -11.08 -16.65 5.95
CA ALA A 531 -12.51 -16.94 5.96
C ALA A 531 -13.20 -16.35 7.17
N THR A 532 -12.44 -16.01 8.21
CA THR A 532 -12.98 -15.35 9.39
C THR A 532 -13.17 -13.86 9.13
N SER A 533 -13.96 -13.22 10.00
CA SER A 533 -14.30 -11.82 9.85
C SER A 533 -13.43 -10.96 10.77
N TRP A 534 -13.76 -9.66 10.85
CA TRP A 534 -12.91 -8.72 11.56
C TRP A 534 -12.90 -8.99 13.07
N GLN A 535 -13.99 -9.53 13.61
CA GLN A 535 -14.06 -9.80 15.05
C GLN A 535 -12.94 -10.72 15.49
N ASP A 536 -12.56 -11.67 14.65
CA ASP A 536 -11.48 -12.60 14.99
C ASP A 536 -10.10 -12.00 14.82
N ALA A 537 -9.98 -10.85 14.17
CA ALA A 537 -8.72 -10.13 14.05
C ALA A 537 -8.64 -8.92 14.97
N GLU A 538 -9.70 -8.65 15.74
CA GLU A 538 -9.81 -7.39 16.47
C GLU A 538 -8.64 -7.20 17.44
N TYR A 539 -8.36 -8.20 18.25
CA TYR A 539 -7.32 -8.07 19.28
C TYR A 539 -5.96 -7.82 18.65
N ARG A 540 -5.63 -8.55 17.58
CA ARG A 540 -4.36 -8.35 16.90
C ARG A 540 -4.32 -7.00 16.20
N MET A 541 -5.47 -6.51 15.72
CA MET A 541 -5.49 -5.20 15.08
C MET A 541 -5.21 -4.09 16.09
N LEU A 542 -5.75 -4.21 17.30
CA LEU A 542 -5.43 -3.25 18.34
C LEU A 542 -3.94 -3.22 18.65
N HIS A 543 -3.29 -4.39 18.61
CA HIS A 543 -1.86 -4.42 18.89
C HIS A 543 -1.05 -3.79 17.76
N ILE A 544 -1.39 -4.11 16.51
CA ILE A 544 -0.60 -3.56 15.39
C ILE A 544 -0.73 -2.05 15.35
N ARG A 545 -1.86 -1.50 15.80
CA ARG A 545 -1.98 -0.06 15.92
C ARG A 545 -0.94 0.49 16.89
N GLU A 546 -0.80 -0.16 18.05
CA GLU A 546 0.20 0.26 19.03
C GLU A 546 1.60 0.14 18.46
N ARG A 547 1.85 -0.89 17.65
CA ARG A 547 3.17 -1.03 17.03
C ARG A 547 3.46 0.10 16.05
N PHE A 548 2.45 0.51 15.27
CA PHE A 548 2.62 1.66 14.39
C PHE A 548 2.99 2.90 15.18
N VAL A 549 2.31 3.14 16.31
CA VAL A 549 2.60 4.31 17.12
C VAL A 549 4.02 4.25 17.67
N ARG A 550 4.45 3.06 18.10
CA ARG A 550 5.83 2.90 18.55
C ARG A 550 6.83 3.20 17.44
N MET A 551 6.44 2.93 16.19
CA MET A 551 7.28 3.27 15.05
C MET A 551 7.37 4.77 14.81
N GLY A 552 6.53 5.58 15.45
CA GLY A 552 6.44 6.99 15.15
C GLY A 552 5.32 7.37 14.21
N ILE A 553 4.48 6.41 13.81
CA ILE A 553 3.32 6.68 12.97
C ILE A 553 2.22 7.26 13.85
N GLN A 554 1.67 8.40 13.44
CA GLN A 554 0.51 8.99 14.12
C GLN A 554 -0.76 8.28 13.68
N ALA A 555 -0.84 7.00 14.05
CA ALA A 555 -1.95 6.16 13.62
C ALA A 555 -3.24 6.58 14.31
N GLU A 556 -4.36 6.39 13.60
CA GLU A 556 -5.66 6.62 14.18
C GLU A 556 -5.86 5.75 15.41
N SER A 557 -6.67 6.24 16.35
CA SER A 557 -7.04 5.49 17.53
C SER A 557 -8.34 4.75 17.26
N LEU A 558 -8.37 3.46 17.60
CA LEU A 558 -9.52 2.62 17.31
C LEU A 558 -10.45 2.43 18.50
N GLN A 559 -9.90 2.23 19.70
CA GLN A 559 -10.68 1.92 20.88
C GLN A 559 -9.97 2.50 22.09
N PRO A 560 -10.66 2.64 23.22
CA PRO A 560 -9.95 2.97 24.46
C PRO A 560 -8.88 1.91 24.73
N GLU A 561 -7.71 2.35 25.17
CA GLU A 561 -6.66 1.41 25.55
C GLU A 561 -7.15 0.47 26.64
N TRP A 562 -8.15 0.88 27.42
CA TRP A 562 -8.74 -0.02 28.41
C TRP A 562 -9.25 -1.30 27.76
N CYS A 563 -9.87 -1.18 26.59
CA CYS A 563 -10.35 -2.37 25.87
C CYS A 563 -9.19 -3.29 25.52
N TYR A 564 -8.07 -2.71 25.08
CA TYR A 564 -6.88 -3.49 24.75
C TYR A 564 -6.36 -4.27 25.95
N GLN A 565 -6.45 -3.68 27.14
CA GLN A 565 -6.02 -4.32 28.37
C GLN A 565 -7.09 -5.20 28.99
N ASN A 566 -8.32 -5.17 28.48
CA ASN A 566 -9.44 -5.88 29.08
C ASN A 566 -10.26 -6.55 27.98
N GLU A 567 -9.62 -7.47 27.25
CA GLU A 567 -10.27 -8.14 26.12
C GLU A 567 -11.57 -8.81 26.56
N GLY A 568 -12.60 -8.64 25.73
CA GLY A 568 -13.89 -9.24 25.98
C GLY A 568 -14.93 -8.31 26.58
N TYR A 569 -14.50 -7.20 27.18
CA TYR A 569 -15.44 -6.29 27.83
C TYR A 569 -15.97 -5.21 26.91
N CYS A 570 -15.33 -4.99 25.76
CA CYS A 570 -15.79 -4.02 24.77
C CYS A 570 -16.30 -4.80 23.55
N TYR A 571 -17.62 -4.88 23.41
CA TYR A 571 -18.23 -5.67 22.35
C TYR A 571 -19.60 -5.08 22.02
N SER A 572 -20.11 -5.47 20.85
CA SER A 572 -21.49 -5.13 20.46
C SER A 572 -21.93 -6.01 19.29
#